data_3S48
#
_entry.id   3S48
#
_cell.length_a   115.607
_cell.length_b   115.607
_cell.length_c   142.333
_cell.angle_alpha   90.00
_cell.angle_beta   90.00
_cell.angle_gamma   90.00
#
_symmetry.space_group_name_H-M   'I 41'
#
loop_
_entity.id
_entity.type
_entity.pdbx_description
1 polymer 'Iron-regulated surface determinant protein H'
2 polymer 'Hemoglobin subunit alpha'
3 non-polymer 'PROTOPORPHYRIN IX CONTAINING FE'
4 water water
#
loop_
_entity_poly.entity_id
_entity_poly.type
_entity_poly.pdbx_seq_one_letter_code
_entity_poly.pdbx_strand_id
1 'polypeptide(L)'
;GSSHHHHHHSSGLVPRGSHMADESLKDAIKDPALENKEHDIGPREQVNFQLLDKNNETQYYHFFSIKDPADVYYTKKKAE
VELDINTASTWKKFEVYENNQKLPVRLVSYSPVPEDHAYIRFPVSDGTQELKIVSSTQIDDGEETNYDYTKLVFAKPIYN
DPSL
;
A,B
2 'polypeptide(L)'
;VLSPADKTNVKAAWGKVGAHAGEYGAEALERMFLSFPTTKTYFPHFDLSHGSAQVKGHGKKVADALTNAVAHVDDMPNAL
SALSDLHAHKLRVDPVNFKLLSHCLLVTLAAHLPAEFTPAVHASLDKFLASVSTVLTSKYR
;
D,C
#
# COMPACT_ATOMS: atom_id res chain seq x y z
N ASP A 22 6.10 36.82 9.02
CA ASP A 22 6.58 38.13 8.52
C ASP A 22 6.53 38.19 6.99
N GLU A 23 5.38 38.62 6.46
CA GLU A 23 5.17 38.77 5.02
C GLU A 23 5.22 37.43 4.28
N SER A 24 4.42 36.47 4.73
CA SER A 24 4.31 35.17 4.09
C SER A 24 3.30 35.23 2.95
N LEU A 25 3.44 34.32 1.98
CA LEU A 25 2.52 34.27 0.83
C LEU A 25 1.11 33.86 1.21
N LYS A 26 0.98 33.09 2.29
CA LYS A 26 -0.34 32.70 2.82
C LYS A 26 -1.18 33.93 3.12
N ASP A 27 -0.56 34.89 3.82
CA ASP A 27 -1.24 36.11 4.24
C ASP A 27 -1.16 37.23 3.19
N ALA A 28 -0.14 37.19 2.35
CA ALA A 28 0.07 38.22 1.32
C ALA A 28 -1.02 38.21 0.25
N ILE A 29 -1.42 37.01 -0.16
CA ILE A 29 -2.44 36.86 -1.21
C ILE A 29 -3.87 37.23 -0.75
N LYS A 30 -4.07 37.39 0.55
CA LYS A 30 -5.38 37.74 1.10
C LYS A 30 -5.81 39.18 0.78
N ASP A 31 -4.87 40.01 0.34
CA ASP A 31 -5.18 41.38 -0.07
C ASP A 31 -6.07 41.38 -1.32
N PRO A 32 -7.32 41.90 -1.20
CA PRO A 32 -8.25 41.86 -2.32
C PRO A 32 -7.96 42.86 -3.44
N ALA A 33 -7.00 43.76 -3.23
CA ALA A 33 -6.58 44.70 -4.27
C ALA A 33 -5.94 43.98 -5.46
N LEU A 34 -5.31 42.84 -5.20
CA LEU A 34 -4.66 42.03 -6.22
C LEU A 34 -5.47 40.75 -6.46
N GLU A 35 -6.79 40.89 -6.60
CA GLU A 35 -7.68 39.75 -6.81
C GLU A 35 -7.47 39.11 -8.18
N ASN A 36 -7.26 39.93 -9.19
CA ASN A 36 -6.88 39.46 -10.52
C ASN A 36 -6.21 40.61 -11.30
N LYS A 37 -5.22 41.24 -10.66
CA LYS A 37 -4.56 42.43 -11.21
C LYS A 37 -3.74 42.08 -12.45
N GLU A 38 -3.66 43.03 -13.38
CA GLU A 38 -2.89 42.85 -14.61
C GLU A 38 -1.39 42.87 -14.30
N HIS A 39 -0.64 42.04 -15.02
CA HIS A 39 0.82 41.95 -14.81
C HIS A 39 1.56 41.47 -16.05
N ASP A 40 1.06 41.82 -17.24
CA ASP A 40 1.68 41.40 -18.50
C ASP A 40 1.86 42.55 -19.48
N ILE A 41 1.98 43.77 -18.94
CA ILE A 41 2.21 44.96 -19.77
C ILE A 41 3.70 45.29 -19.75
N GLY A 42 4.22 45.70 -20.91
CA GLY A 42 5.63 46.05 -21.05
C GLY A 42 6.44 44.94 -21.70
N PRO A 43 7.71 45.24 -22.05
CA PRO A 43 8.56 44.29 -22.75
C PRO A 43 9.07 43.18 -21.83
N ARG A 44 9.15 41.96 -22.35
CA ARG A 44 9.63 40.81 -21.58
C ARG A 44 10.30 39.77 -22.46
N GLU A 45 11.05 38.86 -21.82
CA GLU A 45 11.69 37.75 -22.52
C GLU A 45 11.52 36.45 -21.72
N GLN A 46 11.23 35.36 -22.43
CA GLN A 46 11.11 34.03 -21.81
C GLN A 46 12.50 33.50 -21.52
N VAL A 47 12.73 33.08 -20.28
CA VAL A 47 14.03 32.53 -19.87
C VAL A 47 13.85 31.23 -19.10
N ASN A 48 14.36 30.14 -19.65
CA ASN A 48 14.31 28.82 -19.00
C ASN A 48 15.25 28.75 -17.80
N PHE A 49 14.96 27.83 -16.89
CA PHE A 49 15.79 27.65 -15.70
C PHE A 49 15.61 26.26 -15.09
N GLN A 50 16.43 25.96 -14.08
CA GLN A 50 16.34 24.71 -13.33
C GLN A 50 16.33 24.99 -11.84
N LEU A 51 15.54 24.22 -11.09
CA LEU A 51 15.45 24.33 -9.64
C LEU A 51 16.11 23.12 -9.00
N LEU A 52 17.31 23.33 -8.45
CA LEU A 52 18.13 22.24 -7.90
C LEU A 52 18.33 22.40 -6.40
N ASP A 53 18.64 21.29 -5.73
CA ASP A 53 18.91 21.30 -4.29
C ASP A 53 20.41 21.45 -4.03
N LYS A 54 20.84 21.24 -2.78
CA LYS A 54 22.25 21.36 -2.40
C LYS A 54 23.17 20.42 -3.18
N ASN A 55 22.67 19.24 -3.52
CA ASN A 55 23.45 18.24 -4.26
C ASN A 55 23.37 18.39 -5.79
N ASN A 56 22.88 19.55 -6.25
CA ASN A 56 22.63 19.79 -7.67
C ASN A 56 21.75 18.70 -8.31
N GLU A 57 20.70 18.31 -7.59
CA GLU A 57 19.70 17.38 -8.09
C GLU A 57 18.34 18.06 -8.03
N THR A 58 17.41 17.57 -8.85
CA THR A 58 16.11 18.24 -9.04
C THR A 58 15.35 18.45 -7.73
N GLN A 59 15.15 19.72 -7.37
CA GLN A 59 14.27 20.08 -6.26
C GLN A 59 12.84 19.94 -6.74
N TYR A 60 12.23 18.80 -6.44
CA TYR A 60 10.96 18.41 -7.06
C TYR A 60 9.78 19.31 -6.70
N TYR A 61 9.60 19.60 -5.42
CA TYR A 61 8.45 20.41 -4.99
C TYR A 61 8.41 21.77 -5.69
N HIS A 62 9.56 22.43 -5.76
CA HIS A 62 9.68 23.71 -6.46
C HIS A 62 9.55 23.53 -7.97
N PHE A 63 10.09 22.43 -8.50
CA PHE A 63 9.98 22.13 -9.93
C PHE A 63 8.51 22.06 -10.37
N PHE A 64 7.68 21.42 -9.57
CA PHE A 64 6.25 21.32 -9.86
C PHE A 64 5.54 22.65 -9.65
N SER A 65 6.03 23.45 -8.69
CA SER A 65 5.37 24.69 -8.29
C SER A 65 5.70 25.87 -9.19
N ILE A 66 6.99 26.13 -9.41
CA ILE A 66 7.41 27.31 -10.18
C ILE A 66 7.29 27.00 -11.68
N LYS A 67 6.65 27.91 -12.42
CA LYS A 67 6.45 27.73 -13.87
C LYS A 67 7.74 28.00 -14.64
N ASP A 68 8.03 27.13 -15.60
CA ASP A 68 9.19 27.28 -16.49
C ASP A 68 8.71 27.37 -17.93
N PRO A 69 9.22 28.36 -18.70
CA PRO A 69 10.20 29.39 -18.36
C PRO A 69 9.58 30.59 -17.64
N ALA A 70 10.41 31.34 -16.93
CA ALA A 70 9.97 32.55 -16.24
C ALA A 70 10.02 33.76 -17.16
N ASP A 71 9.09 34.69 -16.98
CA ASP A 71 9.09 35.95 -17.73
C ASP A 71 10.02 36.93 -17.04
N VAL A 72 10.89 37.57 -17.83
CA VAL A 72 11.81 38.59 -17.32
C VAL A 72 11.46 39.94 -17.95
N TYR A 73 10.82 40.81 -17.18
CA TYR A 73 10.38 42.11 -17.67
C TYR A 73 11.52 43.14 -17.56
N TYR A 74 11.81 43.81 -18.69
CA TYR A 74 12.88 44.80 -18.73
C TYR A 74 12.39 46.16 -18.26
N THR A 75 13.28 46.90 -17.60
CA THR A 75 12.98 48.25 -17.11
C THR A 75 14.12 49.20 -17.50
N LYS A 76 14.08 50.42 -16.96
CA LYS A 76 15.15 51.40 -17.21
C LYS A 76 16.41 51.09 -16.40
N LYS A 77 16.23 50.54 -15.20
CA LYS A 77 17.36 50.23 -14.31
C LYS A 77 17.75 48.75 -14.35
N LYS A 78 16.98 47.89 -13.68
CA LYS A 78 17.28 46.47 -13.58
C LYS A 78 16.13 45.62 -14.09
N ALA A 79 16.45 44.45 -14.64
CA ALA A 79 15.45 43.52 -15.13
C ALA A 79 14.74 42.86 -13.95
N GLU A 80 13.41 42.77 -14.02
CA GLU A 80 12.61 42.17 -12.96
C GLU A 80 12.04 40.83 -13.42
N VAL A 81 12.49 39.75 -12.78
CA VAL A 81 12.04 38.41 -13.11
C VAL A 81 10.72 38.11 -12.38
N GLU A 82 9.74 37.63 -13.13
CA GLU A 82 8.43 37.26 -12.57
C GLU A 82 8.35 35.75 -12.43
N LEU A 83 8.02 35.28 -11.23
CA LEU A 83 7.86 33.85 -10.96
C LEU A 83 6.40 33.52 -10.65
N ASP A 84 5.85 32.56 -11.38
CA ASP A 84 4.47 32.12 -11.22
C ASP A 84 4.39 30.94 -10.27
N ILE A 85 4.00 31.20 -9.02
CA ILE A 85 3.99 30.19 -7.97
C ILE A 85 2.57 29.67 -7.73
N ASN A 86 2.35 28.37 -7.93
CA ASN A 86 1.03 27.78 -7.70
C ASN A 86 0.86 27.30 -6.25
N THR A 87 -0.38 27.00 -5.88
CA THR A 87 -0.75 26.66 -4.49
C THR A 87 -0.16 27.65 -3.48
N ALA A 88 -0.39 28.94 -3.74
CA ALA A 88 0.11 30.02 -2.88
C ALA A 88 -0.44 29.95 -1.45
N SER A 89 -1.65 29.42 -1.31
CA SER A 89 -2.30 29.26 -0.01
C SER A 89 -1.52 28.37 0.98
N THR A 90 -0.64 27.53 0.45
CA THR A 90 0.22 26.67 1.26
C THR A 90 1.62 27.27 1.45
N TRP A 91 2.10 28.01 0.46
CA TRP A 91 3.41 28.66 0.54
C TRP A 91 3.46 29.69 1.66
N LYS A 92 4.34 29.48 2.63
CA LYS A 92 4.54 30.43 3.73
C LYS A 92 5.73 31.35 3.44
N LYS A 93 6.94 30.90 3.77
CA LYS A 93 8.14 31.69 3.52
C LYS A 93 8.56 31.54 2.06
N PHE A 94 9.04 32.63 1.47
CA PHE A 94 9.60 32.60 0.11
C PHE A 94 10.58 33.76 -0.09
N GLU A 95 11.82 33.54 0.33
CA GLU A 95 12.87 34.54 0.24
C GLU A 95 13.80 34.22 -0.92
N VAL A 96 14.12 35.22 -1.73
CA VAL A 96 15.06 35.07 -2.84
C VAL A 96 16.31 35.90 -2.57
N TYR A 97 17.48 35.29 -2.77
CA TYR A 97 18.75 35.93 -2.50
C TYR A 97 19.62 35.99 -3.75
N GLU A 98 20.33 37.10 -3.93
CA GLU A 98 21.26 37.30 -5.04
C GLU A 98 22.66 37.46 -4.48
N ASN A 99 23.49 36.43 -4.65
CA ASN A 99 24.85 36.40 -4.09
C ASN A 99 24.82 36.64 -2.59
N ASN A 100 23.97 35.87 -1.90
CA ASN A 100 23.77 35.97 -0.45
C ASN A 100 23.31 37.36 0.02
N GLN A 101 22.46 38.00 -0.78
CA GLN A 101 21.85 39.27 -0.40
C GLN A 101 20.36 39.25 -0.75
N LYS A 102 19.52 39.52 0.25
CA LYS A 102 18.07 39.41 0.11
C LYS A 102 17.52 40.42 -0.90
N LEU A 103 16.89 39.91 -1.96
CA LEU A 103 16.25 40.76 -2.97
C LEU A 103 14.86 41.18 -2.49
N PRO A 104 14.42 42.39 -2.87
CA PRO A 104 13.07 42.84 -2.51
C PRO A 104 12.00 42.17 -3.36
N VAL A 105 11.34 41.16 -2.79
CA VAL A 105 10.27 40.44 -3.46
C VAL A 105 8.93 41.09 -3.16
N ARG A 106 8.07 41.18 -4.17
CA ARG A 106 6.74 41.77 -3.99
C ARG A 106 5.68 41.02 -4.80
N LEU A 107 4.49 40.90 -4.23
CA LEU A 107 3.37 40.23 -4.88
C LEU A 107 2.69 41.21 -5.85
N VAL A 108 2.64 40.84 -7.12
CA VAL A 108 2.07 41.71 -8.17
C VAL A 108 0.64 41.33 -8.52
N SER A 109 0.31 40.04 -8.45
CA SER A 109 -1.03 39.56 -8.76
C SER A 109 -1.28 38.17 -8.17
N TYR A 110 -2.56 37.80 -8.08
CA TYR A 110 -2.95 36.52 -7.51
C TYR A 110 -4.23 35.97 -8.16
N SER A 111 -4.15 34.75 -8.67
CA SER A 111 -5.33 34.06 -9.20
C SER A 111 -5.97 33.23 -8.08
N PRO A 112 -7.28 33.44 -7.83
CA PRO A 112 -7.93 32.70 -6.74
C PRO A 112 -8.13 31.21 -7.01
N VAL A 113 -8.50 30.47 -5.96
CA VAL A 113 -8.82 29.04 -6.05
C VAL A 113 -9.97 28.82 -7.03
N PRO A 114 -9.94 27.72 -7.81
CA PRO A 114 -9.02 26.56 -7.79
C PRO A 114 -7.68 26.76 -8.50
N GLU A 115 -7.47 27.90 -9.13
CA GLU A 115 -6.20 28.18 -9.83
C GLU A 115 -5.08 28.35 -8.81
N ASP A 116 -5.26 29.31 -7.89
CA ASP A 116 -4.36 29.50 -6.74
C ASP A 116 -2.91 29.75 -7.16
N HIS A 117 -2.71 30.70 -8.07
CA HIS A 117 -1.39 31.07 -8.55
C HIS A 117 -0.96 32.43 -8.01
N ALA A 118 0.22 32.48 -7.40
CA ALA A 118 0.79 33.71 -6.86
C ALA A 118 1.91 34.22 -7.78
N TYR A 119 1.69 35.38 -8.37
CA TYR A 119 2.69 36.02 -9.23
C TYR A 119 3.51 37.02 -8.43
N ILE A 120 4.81 36.79 -8.35
CA ILE A 120 5.71 37.67 -7.59
C ILE A 120 6.90 38.12 -8.45
N ARG A 121 7.36 39.35 -8.21
CA ARG A 121 8.47 39.92 -8.97
C ARG A 121 9.60 40.39 -8.06
N PHE A 122 10.81 40.40 -8.61
CA PHE A 122 11.99 40.86 -7.88
C PHE A 122 13.09 41.26 -8.87
N PRO A 123 13.92 42.26 -8.49
CA PRO A 123 14.96 42.75 -9.39
C PRO A 123 16.19 41.83 -9.40
N VAL A 124 16.85 41.74 -10.55
CA VAL A 124 18.09 40.98 -10.68
C VAL A 124 19.12 41.79 -11.47
N SER A 125 20.34 41.87 -10.94
CA SER A 125 21.41 42.62 -11.58
C SER A 125 21.94 41.89 -12.80
N ASP A 126 22.54 42.64 -13.72
CA ASP A 126 23.03 42.10 -14.98
C ASP A 126 24.14 41.06 -14.77
N GLY A 127 24.05 39.95 -15.49
CA GLY A 127 25.04 38.87 -15.39
C GLY A 127 24.70 37.79 -14.39
N THR A 128 23.66 38.00 -13.59
CA THR A 128 23.24 37.04 -12.58
C THR A 128 22.57 35.83 -13.22
N GLN A 129 23.22 34.66 -13.11
CA GLN A 129 22.71 33.45 -13.74
C GLN A 129 21.97 32.52 -12.77
N GLU A 130 22.35 32.55 -11.49
CA GLU A 130 21.69 31.71 -10.49
C GLU A 130 21.34 32.47 -9.21
N LEU A 131 20.22 32.07 -8.59
CA LEU A 131 19.74 32.68 -7.36
C LEU A 131 19.49 31.62 -6.29
N LYS A 132 19.51 32.05 -5.04
CA LYS A 132 19.27 31.17 -3.89
C LYS A 132 17.87 31.44 -3.35
N ILE A 133 17.08 30.37 -3.18
CA ILE A 133 15.70 30.49 -2.72
C ILE A 133 15.50 29.73 -1.41
N VAL A 134 15.35 30.47 -0.33
CA VAL A 134 14.99 29.91 0.99
C VAL A 134 13.49 30.06 1.16
N SER A 135 12.80 28.95 1.39
CA SER A 135 11.33 28.94 1.41
C SER A 135 10.76 27.88 2.35
N SER A 136 9.44 27.95 2.55
CA SER A 136 8.72 27.04 3.44
C SER A 136 7.27 26.91 3.03
N THR A 137 6.64 25.79 3.42
CA THR A 137 5.22 25.55 3.15
C THR A 137 4.48 25.09 4.41
N GLN A 138 3.19 25.39 4.47
CA GLN A 138 2.35 25.00 5.62
C GLN A 138 0.89 24.88 5.21
N ILE A 139 0.26 23.76 5.59
CA ILE A 139 -1.15 23.53 5.31
C ILE A 139 -1.99 24.03 6.49
N ASP A 140 -2.70 25.14 6.28
CA ASP A 140 -3.55 25.77 7.31
C ASP A 140 -2.77 26.20 8.55
N ASP A 141 -2.47 25.24 9.43
CA ASP A 141 -1.69 25.52 10.64
C ASP A 141 -1.12 24.22 11.23
N GLY A 142 -0.47 23.44 10.38
CA GLY A 142 0.13 22.16 10.78
C GLY A 142 1.65 22.21 10.73
N GLU A 143 2.27 21.09 10.38
CA GLU A 143 3.73 21.00 10.32
C GLU A 143 4.30 21.90 9.23
N GLU A 144 5.19 22.79 9.62
CA GLU A 144 5.87 23.70 8.70
C GLU A 144 7.04 22.98 8.04
N THR A 145 6.90 22.66 6.75
CA THR A 145 7.96 21.99 6.00
C THR A 145 8.93 23.02 5.43
N ASN A 146 10.14 23.07 5.98
CA ASN A 146 11.16 24.02 5.56
C ASN A 146 11.97 23.51 4.38
N TYR A 147 12.32 24.42 3.47
CA TYR A 147 13.21 24.12 2.36
C TYR A 147 14.39 25.10 2.42
N ASP A 148 15.42 24.72 3.18
CA ASP A 148 16.52 25.62 3.53
C ASP A 148 17.29 26.16 2.32
N TYR A 149 17.48 25.31 1.31
CA TYR A 149 18.21 25.73 0.11
C TYR A 149 17.61 25.16 -1.17
N THR A 150 17.18 26.05 -2.05
CA THR A 150 16.78 25.69 -3.41
C THR A 150 17.53 26.61 -4.37
N LYS A 151 18.10 26.03 -5.41
CA LYS A 151 19.01 26.74 -6.31
C LYS A 151 18.36 26.96 -7.68
N LEU A 152 17.89 28.18 -7.92
CA LEU A 152 17.34 28.54 -9.23
C LEU A 152 18.49 28.93 -10.15
N VAL A 153 18.63 28.22 -11.27
CA VAL A 153 19.70 28.48 -12.23
C VAL A 153 19.13 28.72 -13.62
N PHE A 154 19.26 29.96 -14.11
CA PHE A 154 18.79 30.31 -15.46
C PHE A 154 19.70 29.70 -16.52
N ALA A 155 19.11 29.34 -17.66
CA ALA A 155 19.86 28.75 -18.77
C ALA A 155 20.91 29.71 -19.33
N LYS A 156 20.62 31.00 -19.26
CA LYS A 156 21.57 32.05 -19.61
C LYS A 156 21.54 33.15 -18.54
N PRO A 157 22.62 33.94 -18.44
CA PRO A 157 22.59 35.05 -17.48
C PRO A 157 21.60 36.14 -17.90
N ILE A 158 21.04 36.84 -16.91
CA ILE A 158 20.04 37.88 -17.18
C ILE A 158 20.72 39.21 -17.48
N TYR A 159 20.17 39.94 -18.45
CA TYR A 159 20.70 41.26 -18.84
C TYR A 159 19.55 42.18 -19.23
N ASN A 160 19.41 43.30 -18.51
CA ASN A 160 18.35 44.27 -18.79
C ASN A 160 18.61 45.02 -20.09
N ASP A 161 17.53 45.34 -20.81
CA ASP A 161 17.61 46.06 -22.08
C ASP A 161 16.74 47.32 -22.02
N PRO A 162 17.36 48.48 -21.74
CA PRO A 162 16.63 49.76 -21.74
C PRO A 162 16.01 50.13 -23.09
N SER A 163 16.68 49.75 -24.18
CA SER A 163 16.18 50.02 -25.54
C SER A 163 15.02 49.09 -25.93
N LEU A 164 14.82 48.03 -25.15
CA LEU A 164 13.70 47.09 -25.34
C LEU A 164 13.82 46.32 -26.66
N VAL B 1 -12.66 19.79 -6.54
CA VAL B 1 -12.55 18.59 -5.66
C VAL B 1 -11.16 18.48 -5.03
N LEU B 2 -10.12 18.83 -5.80
CA LEU B 2 -8.75 18.84 -5.28
C LEU B 2 -8.45 20.19 -4.62
N SER B 3 -8.35 20.19 -3.30
CA SER B 3 -8.08 21.40 -2.53
C SER B 3 -6.60 21.77 -2.61
N PRO B 4 -6.25 23.00 -2.20
CA PRO B 4 -4.83 23.38 -2.07
C PRO B 4 -4.03 22.42 -1.18
N ALA B 5 -4.66 21.93 -0.11
CA ALA B 5 -4.02 20.97 0.78
C ALA B 5 -3.73 19.64 0.08
N ASP B 6 -4.67 19.20 -0.76
CA ASP B 6 -4.49 17.97 -1.55
C ASP B 6 -3.34 18.12 -2.55
N LYS B 7 -3.30 19.25 -3.25
CA LYS B 7 -2.26 19.52 -4.23
C LYS B 7 -0.87 19.62 -3.60
N THR B 8 -0.79 20.17 -2.39
CA THR B 8 0.46 20.25 -1.65
C THR B 8 1.00 18.87 -1.29
N ASN B 9 0.11 18.00 -0.80
CA ASN B 9 0.49 16.64 -0.44
C ASN B 9 0.91 15.78 -1.65
N VAL B 10 0.28 16.02 -2.79
CA VAL B 10 0.62 15.31 -4.02
C VAL B 10 2.03 15.64 -4.51
N LYS B 11 2.36 16.93 -4.52
CA LYS B 11 3.69 17.38 -4.92
C LYS B 11 4.78 16.86 -3.98
N ALA B 12 4.52 16.96 -2.68
CA ALA B 12 5.47 16.52 -1.67
C ALA B 12 5.72 15.02 -1.74
N ALA B 13 4.63 14.24 -1.83
CA ALA B 13 4.73 12.78 -1.90
C ALA B 13 5.42 12.33 -3.18
N TRP B 14 4.96 12.87 -4.31
CA TRP B 14 5.56 12.55 -5.61
C TRP B 14 6.96 13.13 -5.75
N GLY B 15 7.25 14.19 -4.99
CA GLY B 15 8.58 14.80 -4.95
C GLY B 15 9.59 13.92 -4.23
N LYS B 16 9.18 13.36 -3.09
CA LYS B 16 10.03 12.44 -2.33
C LYS B 16 10.18 11.09 -3.02
N VAL B 17 9.28 10.77 -3.95
CA VAL B 17 9.47 9.65 -4.86
C VAL B 17 10.53 10.03 -5.88
N GLY B 18 10.27 11.13 -6.59
CA GLY B 18 11.26 11.75 -7.48
C GLY B 18 11.89 10.84 -8.52
N ALA B 19 13.14 10.45 -8.26
CA ALA B 19 13.91 9.64 -9.20
C ALA B 19 13.38 8.21 -9.33
N HIS B 20 12.76 7.70 -8.26
CA HIS B 20 12.27 6.32 -8.24
C HIS B 20 10.82 6.19 -8.74
N ALA B 21 10.32 7.22 -9.42
CA ALA B 21 8.96 7.21 -9.97
C ALA B 21 8.79 6.13 -11.04
N GLY B 22 9.77 6.03 -11.93
CA GLY B 22 9.77 5.01 -12.99
C GLY B 22 9.85 3.59 -12.45
N GLU B 23 10.53 3.42 -11.33
CA GLU B 23 10.66 2.11 -10.68
C GLU B 23 9.35 1.66 -10.04
N TYR B 24 8.66 2.58 -9.37
CA TYR B 24 7.38 2.28 -8.71
C TYR B 24 6.25 2.10 -9.73
N GLY B 25 6.35 2.81 -10.85
CA GLY B 25 5.38 2.65 -11.94
C GLY B 25 5.42 1.26 -12.54
N ALA B 26 6.64 0.75 -12.76
CA ALA B 26 6.84 -0.60 -13.28
C ALA B 26 6.39 -1.65 -12.26
N GLU B 27 6.69 -1.40 -10.98
CA GLU B 27 6.30 -2.30 -9.90
C GLU B 27 4.79 -2.38 -9.74
N ALA B 28 4.12 -1.23 -9.88
CA ALA B 28 2.66 -1.17 -9.78
C ALA B 28 1.97 -1.99 -10.87
N LEU B 29 2.54 -1.98 -12.07
CA LEU B 29 2.02 -2.77 -13.20
C LEU B 29 2.15 -4.26 -12.93
N GLU B 30 3.35 -4.69 -12.55
CA GLU B 30 3.61 -6.10 -12.24
C GLU B 30 2.74 -6.59 -11.07
N ARG B 31 2.45 -5.69 -10.14
CA ARG B 31 1.58 -5.99 -9.00
C ARG B 31 0.11 -6.06 -9.43
N MET B 32 -0.25 -5.29 -10.46
CA MET B 32 -1.62 -5.26 -10.99
C MET B 32 -1.96 -6.51 -11.79
N PHE B 33 -1.05 -6.93 -12.67
CA PHE B 33 -1.29 -8.09 -13.53
C PHE B 33 -1.37 -9.39 -12.75
N LEU B 34 -0.51 -9.54 -11.74
CA LEU B 34 -0.49 -10.73 -10.90
C LEU B 34 -1.73 -10.81 -10.00
N SER B 35 -2.11 -9.67 -9.43
CA SER B 35 -3.28 -9.60 -8.55
C SER B 35 -4.59 -9.64 -9.33
N PHE B 36 -4.66 -8.88 -10.41
CA PHE B 36 -5.84 -8.82 -11.27
C PHE B 36 -5.49 -9.26 -12.69
N PRO B 37 -5.74 -10.53 -13.01
CA PRO B 37 -5.37 -11.07 -14.34
C PRO B 37 -6.30 -10.62 -15.47
N THR B 38 -7.46 -10.06 -15.13
CA THR B 38 -8.38 -9.52 -16.13
C THR B 38 -7.81 -8.26 -16.80
N THR B 39 -6.89 -7.60 -16.11
CA THR B 39 -6.20 -6.42 -16.63
C THR B 39 -5.30 -6.74 -17.83
N LYS B 40 -4.85 -8.00 -17.92
CA LYS B 40 -3.94 -8.43 -18.99
C LYS B 40 -4.56 -8.41 -20.39
N THR B 41 -5.89 -8.38 -20.47
CA THR B 41 -6.60 -8.35 -21.75
C THR B 41 -6.25 -7.14 -22.61
N TYR B 42 -5.94 -6.01 -21.96
CA TYR B 42 -5.56 -4.78 -22.67
C TYR B 42 -4.11 -4.83 -23.20
N PHE B 43 -3.33 -5.78 -22.72
CA PHE B 43 -1.94 -5.96 -23.18
C PHE B 43 -1.74 -7.41 -23.66
N PRO B 44 -2.25 -7.73 -24.88
CA PRO B 44 -2.12 -9.10 -25.37
C PRO B 44 -0.71 -9.46 -25.82
N HIS B 45 -0.11 -8.62 -26.67
CA HIS B 45 1.21 -8.86 -27.22
C HIS B 45 2.28 -8.15 -26.39
N PHE B 46 2.37 -8.54 -25.12
CA PHE B 46 3.32 -7.94 -24.18
C PHE B 46 3.96 -9.02 -23.30
N ASP B 47 5.23 -8.80 -22.94
CA ASP B 47 5.93 -9.69 -22.02
C ASP B 47 5.58 -9.30 -20.58
N LEU B 48 4.67 -10.06 -19.98
CA LEU B 48 4.17 -9.77 -18.63
C LEU B 48 4.73 -10.75 -17.59
N SER B 49 6.04 -10.98 -17.65
CA SER B 49 6.74 -11.83 -16.69
C SER B 49 7.46 -10.96 -15.65
N HIS B 50 8.06 -11.61 -14.65
CA HIS B 50 8.80 -10.90 -13.61
C HIS B 50 10.12 -10.37 -14.18
N GLY B 51 10.29 -9.05 -14.12
CA GLY B 51 11.50 -8.40 -14.62
C GLY B 51 11.53 -8.32 -16.14
N SER B 52 10.43 -7.88 -16.74
CA SER B 52 10.32 -7.76 -18.18
C SER B 52 10.76 -6.38 -18.65
N ALA B 53 11.36 -6.32 -19.83
CA ALA B 53 11.81 -5.05 -20.42
C ALA B 53 10.64 -4.17 -20.85
N GLN B 54 9.54 -4.81 -21.29
CA GLN B 54 8.34 -4.10 -21.70
C GLN B 54 7.63 -3.45 -20.52
N VAL B 55 7.57 -4.17 -19.40
CA VAL B 55 6.91 -3.67 -18.19
C VAL B 55 7.69 -2.51 -17.56
N LYS B 56 9.00 -2.65 -17.49
CA LYS B 56 9.87 -1.58 -16.99
C LYS B 56 9.79 -0.35 -17.88
N GLY B 57 9.76 -0.57 -19.19
CA GLY B 57 9.63 0.52 -20.16
C GLY B 57 8.29 1.22 -20.07
N HIS B 58 7.21 0.43 -19.97
CA HIS B 58 5.86 0.98 -19.87
C HIS B 58 5.63 1.68 -18.53
N GLY B 59 6.23 1.15 -17.47
CA GLY B 59 6.16 1.75 -16.15
C GLY B 59 6.76 3.14 -16.09
N LYS B 60 7.84 3.35 -16.86
CA LYS B 60 8.47 4.66 -16.96
C LYS B 60 7.55 5.66 -17.67
N LYS B 61 6.89 5.21 -18.73
CA LYS B 61 5.96 6.06 -19.48
C LYS B 61 4.73 6.44 -18.66
N VAL B 62 4.32 5.57 -17.74
CA VAL B 62 3.22 5.87 -16.82
C VAL B 62 3.66 6.86 -15.75
N ALA B 63 4.86 6.65 -15.21
CA ALA B 63 5.43 7.53 -14.19
C ALA B 63 5.65 8.94 -14.73
N ASP B 64 6.16 9.03 -15.96
CA ASP B 64 6.37 10.33 -16.63
C ASP B 64 5.05 11.05 -16.89
N ALA B 65 3.99 10.29 -17.16
CA ALA B 65 2.65 10.86 -17.33
C ALA B 65 2.13 11.42 -16.01
N LEU B 66 2.31 10.66 -14.93
CA LEU B 66 1.92 11.10 -13.59
C LEU B 66 2.70 12.34 -13.17
N THR B 67 4.00 12.36 -13.45
CA THR B 67 4.84 13.51 -13.18
C THR B 67 4.37 14.74 -13.96
N ASN B 68 3.96 14.52 -15.20
CA ASN B 68 3.38 15.58 -16.03
C ASN B 68 2.05 16.06 -15.46
N ALA B 69 1.25 15.13 -14.94
CA ALA B 69 -0.02 15.46 -14.31
C ALA B 69 0.15 16.23 -13.01
N VAL B 70 1.18 15.86 -12.23
CA VAL B 70 1.49 16.54 -10.98
C VAL B 70 2.02 17.96 -11.23
N ALA B 71 2.86 18.10 -12.24
CA ALA B 71 3.43 19.40 -12.62
C ALA B 71 2.36 20.37 -13.09
N HIS B 72 1.38 19.86 -13.84
CA HIS B 72 0.27 20.66 -14.34
C HIS B 72 -1.04 20.18 -13.70
N VAL B 73 -1.05 20.12 -12.36
CA VAL B 73 -2.20 19.66 -11.61
C VAL B 73 -3.39 20.63 -11.68
N ASP B 74 -3.10 21.90 -11.90
CA ASP B 74 -4.14 22.93 -11.99
C ASP B 74 -4.87 22.90 -13.34
N ASP B 75 -4.28 22.23 -14.32
CA ASP B 75 -4.90 22.07 -15.65
C ASP B 75 -4.58 20.69 -16.23
N MET B 76 -5.12 19.65 -15.60
CA MET B 76 -4.92 18.26 -16.03
C MET B 76 -5.50 17.93 -17.41
N PRO B 77 -6.77 18.29 -17.67
CA PRO B 77 -7.37 17.92 -18.96
C PRO B 77 -6.57 18.38 -20.18
N ASN B 78 -6.00 19.59 -20.11
CA ASN B 78 -5.14 20.10 -21.17
C ASN B 78 -3.79 19.39 -21.20
N ALA B 79 -3.26 19.06 -20.02
CA ALA B 79 -1.96 18.38 -19.91
C ALA B 79 -2.01 16.95 -20.43
N LEU B 80 -3.09 16.23 -20.11
CA LEU B 80 -3.26 14.84 -20.53
C LEU B 80 -4.29 14.72 -21.65
N SER B 81 -4.13 15.54 -22.70
CA SER B 81 -5.07 15.56 -23.81
C SER B 81 -4.92 14.34 -24.71
N ALA B 82 -3.69 14.05 -25.11
CA ALA B 82 -3.39 12.93 -26.00
C ALA B 82 -3.72 11.59 -25.35
N LEU B 83 -3.42 11.47 -24.06
CA LEU B 83 -3.68 10.23 -23.30
C LEU B 83 -5.18 10.00 -23.08
N SER B 84 -5.96 11.09 -22.99
CA SER B 84 -7.41 10.99 -22.87
C SER B 84 -8.02 10.42 -24.15
N ASP B 85 -7.54 10.88 -25.30
CA ASP B 85 -7.97 10.37 -26.59
C ASP B 85 -7.56 8.90 -26.76
N LEU B 86 -6.34 8.57 -26.30
CA LEU B 86 -5.80 7.22 -26.43
C LEU B 86 -6.59 6.21 -25.60
N HIS B 87 -6.81 6.52 -24.33
CA HIS B 87 -7.48 5.59 -23.42
C HIS B 87 -9.00 5.58 -23.60
N ALA B 88 -9.61 6.76 -23.79
CA ALA B 88 -11.06 6.87 -23.87
C ALA B 88 -11.62 6.51 -25.24
N HIS B 89 -11.13 7.19 -26.29
CA HIS B 89 -11.67 7.01 -27.64
C HIS B 89 -11.15 5.74 -28.33
N LYS B 90 -9.83 5.60 -28.40
CA LYS B 90 -9.21 4.52 -29.17
C LYS B 90 -9.25 3.18 -28.43
N LEU B 91 -8.63 3.12 -27.26
CA LEU B 91 -8.54 1.87 -26.49
C LEU B 91 -9.86 1.48 -25.84
N ARG B 92 -10.67 2.48 -25.47
CA ARG B 92 -11.97 2.26 -24.82
C ARG B 92 -11.80 1.45 -23.54
N VAL B 93 -10.88 1.90 -22.68
CA VAL B 93 -10.57 1.19 -21.43
C VAL B 93 -11.67 1.41 -20.40
N ASP B 94 -12.03 0.35 -19.69
CA ASP B 94 -13.04 0.43 -18.63
C ASP B 94 -12.46 1.19 -17.43
N PRO B 95 -13.21 2.19 -16.92
CA PRO B 95 -12.77 2.96 -15.75
C PRO B 95 -12.41 2.13 -14.52
N VAL B 96 -12.99 0.94 -14.38
CA VAL B 96 -12.72 0.06 -13.25
C VAL B 96 -11.24 -0.34 -13.16
N ASN B 97 -10.59 -0.48 -14.30
CA ASN B 97 -9.16 -0.85 -14.35
C ASN B 97 -8.25 0.22 -13.72
N PHE B 98 -8.65 1.48 -13.80
CA PHE B 98 -7.88 2.58 -13.23
C PHE B 98 -7.89 2.55 -11.70
N LYS B 99 -8.99 2.12 -11.12
CA LYS B 99 -9.08 1.92 -9.66
C LYS B 99 -8.15 0.81 -9.19
N LEU B 100 -8.00 -0.23 -10.02
CA LEU B 100 -7.11 -1.35 -9.71
C LEU B 100 -5.64 -0.95 -9.83
N LEU B 101 -5.33 -0.09 -10.80
CA LEU B 101 -3.97 0.40 -10.98
C LEU B 101 -3.55 1.32 -9.85
N SER B 102 -4.43 2.27 -9.50
CA SER B 102 -4.17 3.20 -8.41
C SER B 102 -4.08 2.50 -7.06
N HIS B 103 -4.88 1.45 -6.88
CA HIS B 103 -4.81 0.60 -5.69
C HIS B 103 -3.40 0.02 -5.54
N CYS B 104 -2.87 -0.52 -6.62
CA CYS B 104 -1.53 -1.11 -6.62
C CYS B 104 -0.42 -0.06 -6.49
N LEU B 105 -0.66 1.12 -7.05
CA LEU B 105 0.31 2.21 -6.99
C LEU B 105 0.45 2.76 -5.57
N LEU B 106 -0.68 2.96 -4.90
CA LEU B 106 -0.69 3.46 -3.52
C LEU B 106 -0.04 2.47 -2.55
N VAL B 107 -0.24 1.17 -2.81
CA VAL B 107 0.40 0.12 -2.01
C VAL B 107 1.91 0.13 -2.21
N THR B 108 2.36 0.38 -3.44
CA THR B 108 3.78 0.46 -3.74
C THR B 108 4.43 1.64 -3.03
N LEU B 109 3.80 2.81 -3.13
CA LEU B 109 4.30 4.02 -2.46
C LEU B 109 4.34 3.85 -0.94
N ALA B 110 3.37 3.13 -0.39
CA ALA B 110 3.32 2.87 1.05
C ALA B 110 4.49 1.99 1.51
N ALA B 111 4.90 1.06 0.66
CA ALA B 111 5.97 0.12 1.00
C ALA B 111 7.34 0.80 1.02
N HIS B 112 7.64 1.53 -0.05
CA HIS B 112 8.96 2.18 -0.20
C HIS B 112 9.11 3.46 0.62
N LEU B 113 8.00 4.10 0.97
CA LEU B 113 8.03 5.33 1.76
C LEU B 113 6.98 5.28 2.88
N PRO B 114 7.23 4.45 3.92
CA PRO B 114 6.24 4.23 4.96
C PRO B 114 5.96 5.47 5.83
N ALA B 115 7.00 6.12 6.31
CA ALA B 115 6.86 7.29 7.21
C ALA B 115 6.24 8.49 6.50
N GLU B 116 6.55 8.63 5.20
CA GLU B 116 6.07 9.77 4.42
C GLU B 116 4.62 9.58 3.97
N PHE B 117 4.17 8.33 3.92
CA PHE B 117 2.83 7.99 3.44
C PHE B 117 1.81 8.08 4.59
N THR B 118 1.53 9.30 5.02
CA THR B 118 0.58 9.55 6.10
C THR B 118 -0.85 9.44 5.57
N PRO B 119 -1.84 9.27 6.48
CA PRO B 119 -3.24 9.20 6.07
C PRO B 119 -3.72 10.41 5.26
N ALA B 120 -3.21 11.59 5.58
CA ALA B 120 -3.54 12.82 4.85
C ALA B 120 -2.99 12.79 3.43
N VAL B 121 -1.74 12.35 3.29
CA VAL B 121 -1.10 12.21 1.98
C VAL B 121 -1.74 11.06 1.19
N HIS B 122 -2.07 9.98 1.89
CA HIS B 122 -2.77 8.84 1.29
C HIS B 122 -4.11 9.26 0.71
N ALA B 123 -4.84 10.10 1.45
CA ALA B 123 -6.12 10.63 0.98
C ALA B 123 -5.96 11.48 -0.28
N SER B 124 -4.96 12.36 -0.26
CA SER B 124 -4.71 13.27 -1.37
C SER B 124 -4.28 12.54 -2.64
N LEU B 125 -3.41 11.54 -2.50
CA LEU B 125 -2.94 10.76 -3.63
C LEU B 125 -4.08 9.99 -4.31
N ASP B 126 -4.94 9.37 -3.50
CA ASP B 126 -6.11 8.67 -4.02
C ASP B 126 -7.06 9.63 -4.73
N LYS B 127 -7.21 10.82 -4.16
CA LYS B 127 -8.05 11.87 -4.73
C LYS B 127 -7.43 12.38 -6.04
N PHE B 128 -6.09 12.46 -6.06
CA PHE B 128 -5.35 12.87 -7.26
C PHE B 128 -5.43 11.83 -8.36
N LEU B 129 -5.22 10.57 -8.00
CA LEU B 129 -5.29 9.47 -8.98
C LEU B 129 -6.71 9.27 -9.54
N ALA B 130 -7.71 9.57 -8.72
CA ALA B 130 -9.11 9.49 -9.16
C ALA B 130 -9.42 10.54 -10.22
N SER B 131 -8.92 11.75 -10.02
CA SER B 131 -9.15 12.85 -10.96
C SER B 131 -8.40 12.65 -12.28
N VAL B 132 -7.20 12.06 -12.21
CA VAL B 132 -6.43 11.74 -13.42
C VAL B 132 -7.08 10.56 -14.17
N SER B 133 -7.75 9.67 -13.43
CA SER B 133 -8.47 8.55 -14.03
C SER B 133 -9.72 9.01 -14.77
N THR B 134 -10.41 10.00 -14.21
CA THR B 134 -11.61 10.56 -14.85
C THR B 134 -11.27 11.30 -16.14
N VAL B 135 -10.12 11.96 -16.16
CA VAL B 135 -9.68 12.68 -17.36
C VAL B 135 -9.35 11.70 -18.49
N LEU B 136 -8.68 10.60 -18.15
CA LEU B 136 -8.28 9.59 -19.14
C LEU B 136 -9.47 8.76 -19.64
N THR B 137 -10.41 8.44 -18.75
CA THR B 137 -11.57 7.63 -19.10
C THR B 137 -12.69 8.43 -19.78
N SER B 138 -12.59 9.76 -19.77
CA SER B 138 -13.61 10.62 -20.36
C SER B 138 -13.31 11.00 -21.80
N LYS B 139 -14.36 11.25 -22.58
CA LYS B 139 -14.24 11.66 -23.98
C LYS B 139 -14.42 13.17 -24.12
N TYR B 140 -13.63 13.78 -25.01
CA TYR B 140 -13.72 15.21 -25.28
C TYR B 140 -13.92 15.46 -26.76
N ASP C 22 7.74 -38.05 4.98
CA ASP C 22 8.92 -37.51 5.69
C ASP C 22 9.78 -36.66 4.77
N GLU C 23 10.19 -37.25 3.65
CA GLU C 23 11.05 -36.57 2.67
C GLU C 23 10.27 -35.54 1.87
N SER C 24 9.14 -35.95 1.29
CA SER C 24 8.30 -35.08 0.47
C SER C 24 6.82 -35.44 0.64
N LEU C 25 6.04 -34.49 1.16
CA LEU C 25 4.60 -34.68 1.33
C LEU C 25 3.81 -34.37 0.06
N LYS C 26 4.48 -33.76 -0.93
CA LYS C 26 3.84 -33.43 -2.21
C LYS C 26 3.56 -34.69 -3.03
N ASP C 27 4.55 -35.56 -3.12
CA ASP C 27 4.41 -36.82 -3.86
C ASP C 27 3.60 -37.87 -3.10
N ALA C 28 3.50 -37.71 -1.78
CA ALA C 28 2.77 -38.66 -0.94
C ALA C 28 1.26 -38.61 -1.18
N ILE C 29 0.72 -37.40 -1.32
CA ILE C 29 -0.73 -37.21 -1.53
C ILE C 29 -1.19 -37.55 -2.96
N LYS C 30 -0.24 -37.65 -3.89
CA LYS C 30 -0.56 -37.98 -5.29
C LYS C 30 -0.99 -39.43 -5.52
N ASP C 31 -0.73 -40.29 -4.54
CA ASP C 31 -1.12 -41.70 -4.62
C ASP C 31 -2.66 -41.83 -4.62
N PRO C 32 -3.23 -42.56 -5.60
CA PRO C 32 -4.68 -42.64 -5.75
C PRO C 32 -5.39 -43.48 -4.68
N ALA C 33 -4.64 -44.27 -3.91
CA ALA C 33 -5.22 -45.07 -2.82
C ALA C 33 -5.85 -44.19 -1.76
N LEU C 34 -5.18 -43.09 -1.43
CA LEU C 34 -5.70 -42.11 -0.47
C LEU C 34 -6.60 -41.10 -1.19
N GLU C 35 -7.89 -41.13 -0.88
CA GLU C 35 -8.85 -40.21 -1.50
C GLU C 35 -10.12 -40.09 -0.64
N ASN C 36 -10.83 -41.20 -0.48
CA ASN C 36 -12.04 -41.25 0.34
C ASN C 36 -11.98 -42.43 1.32
N LYS C 37 -10.86 -42.54 2.03
CA LYS C 37 -10.65 -43.63 2.99
C LYS C 37 -11.12 -43.21 4.37
N GLU C 38 -11.62 -44.18 5.14
CA GLU C 38 -12.10 -43.92 6.50
C GLU C 38 -10.94 -43.73 7.48
N HIS C 39 -11.24 -43.07 8.60
CA HIS C 39 -10.24 -42.81 9.63
C HIS C 39 -10.91 -42.51 10.98
N ASP C 40 -11.77 -43.43 11.42
CA ASP C 40 -12.47 -43.29 12.69
C ASP C 40 -12.85 -44.65 13.27
N ILE C 41 -11.87 -45.55 13.34
CA ILE C 41 -12.06 -46.89 13.89
C ILE C 41 -11.73 -46.90 15.38
N GLY C 42 -12.65 -47.40 16.19
CA GLY C 42 -12.45 -47.47 17.64
C GLY C 42 -12.70 -46.14 18.34
N PRO C 43 -12.52 -46.11 19.67
CA PRO C 43 -12.75 -44.90 20.47
C PRO C 43 -11.60 -43.91 20.37
N ARG C 44 -11.80 -42.72 20.93
CA ARG C 44 -10.78 -41.67 20.92
C ARG C 44 -11.01 -40.63 22.02
N GLU C 45 -9.99 -39.84 22.30
CA GLU C 45 -10.05 -38.79 23.33
C GLU C 45 -9.71 -37.43 22.71
N GLN C 46 -10.36 -36.38 23.21
CA GLN C 46 -10.11 -35.01 22.76
C GLN C 46 -9.18 -34.30 23.74
N VAL C 47 -8.04 -33.82 23.23
CA VAL C 47 -7.05 -33.12 24.04
C VAL C 47 -6.58 -31.84 23.35
N ASN C 48 -6.49 -30.75 24.11
CA ASN C 48 -6.02 -29.47 23.58
C ASN C 48 -4.50 -29.37 23.61
N PHE C 49 -3.97 -28.33 22.98
CA PHE C 49 -2.52 -28.09 22.95
C PHE C 49 -2.20 -26.63 22.62
N GLN C 50 -0.94 -26.26 22.77
CA GLN C 50 -0.47 -24.91 22.45
C GLN C 50 0.93 -24.95 21.83
N LEU C 51 1.04 -24.43 20.61
CA LEU C 51 2.31 -24.39 19.88
C LEU C 51 3.16 -23.20 20.35
N LEU C 52 4.47 -23.43 20.47
CA LEU C 52 5.40 -22.41 20.95
C LEU C 52 6.63 -22.32 20.05
N ASP C 53 7.51 -21.37 20.34
CA ASP C 53 8.76 -21.18 19.59
C ASP C 53 9.93 -20.92 20.55
N LYS C 54 11.10 -20.63 19.99
CA LYS C 54 12.33 -20.40 20.77
C LYS C 54 12.18 -19.30 21.83
N ASN C 55 11.44 -18.24 21.50
CA ASN C 55 11.25 -17.10 22.40
C ASN C 55 10.00 -17.24 23.29
N ASN C 56 9.45 -18.45 23.39
CA ASN C 56 8.25 -18.73 24.19
C ASN C 56 7.01 -17.93 23.74
N GLU C 57 6.93 -17.63 22.45
CA GLU C 57 5.81 -16.92 21.87
C GLU C 57 4.94 -17.87 21.04
N THR C 58 3.77 -17.40 20.63
CA THR C 58 2.83 -18.22 19.88
C THR C 58 3.28 -18.40 18.42
N GLN C 59 3.32 -19.64 17.97
CA GLN C 59 3.64 -19.96 16.58
C GLN C 59 2.39 -19.77 15.73
N TYR C 60 2.32 -18.62 15.06
CA TYR C 60 1.10 -18.22 14.34
C TYR C 60 0.84 -19.03 13.07
N TYR C 61 1.89 -19.38 12.35
CA TYR C 61 1.76 -20.14 11.09
C TYR C 61 1.15 -21.52 11.33
N HIS C 62 1.69 -22.23 12.32
CA HIS C 62 1.22 -23.58 12.64
C HIS C 62 -0.11 -23.59 13.42
N PHE C 63 -0.47 -22.46 14.00
CA PHE C 63 -1.73 -22.33 14.74
C PHE C 63 -2.93 -22.48 13.80
N PHE C 64 -2.84 -21.87 12.62
CA PHE C 64 -3.91 -21.94 11.62
C PHE C 64 -3.88 -23.27 10.87
N SER C 65 -2.69 -23.87 10.76
CA SER C 65 -2.51 -25.11 10.01
C SER C 65 -3.04 -26.33 10.77
N ILE C 66 -2.60 -26.49 12.01
CA ILE C 66 -2.96 -27.65 12.82
C ILE C 66 -4.34 -27.47 13.43
N LYS C 67 -5.16 -28.53 13.36
CA LYS C 67 -6.52 -28.51 13.88
C LYS C 67 -6.52 -28.72 15.39
N ASP C 68 -7.48 -28.09 16.08
CA ASP C 68 -7.61 -28.17 17.52
C ASP C 68 -9.08 -28.40 17.90
N PRO C 69 -9.37 -29.43 18.73
CA PRO C 69 -8.47 -30.40 19.35
C PRO C 69 -8.09 -31.55 18.42
N ALA C 70 -6.87 -32.06 18.57
CA ALA C 70 -6.40 -33.20 17.78
C ALA C 70 -6.89 -34.51 18.38
N ASP C 71 -7.21 -35.47 17.51
CA ASP C 71 -7.73 -36.77 17.94
C ASP C 71 -6.59 -37.76 18.21
N VAL C 72 -6.80 -38.64 19.18
CA VAL C 72 -5.81 -39.65 19.56
C VAL C 72 -6.47 -41.01 19.77
N TYR C 73 -6.20 -41.93 18.85
CA TYR C 73 -6.78 -43.29 18.90
C TYR C 73 -5.90 -44.22 19.72
N TYR C 74 -6.54 -45.08 20.53
CA TYR C 74 -5.82 -46.03 21.37
C TYR C 74 -5.60 -47.35 20.65
N THR C 75 -4.47 -47.99 20.93
CA THR C 75 -4.13 -49.31 20.35
C THR C 75 -3.53 -50.20 21.44
N LYS C 76 -3.13 -51.41 21.06
CA LYS C 76 -2.54 -52.37 21.99
C LYS C 76 -1.14 -51.94 22.45
N LYS C 77 -0.27 -51.62 21.50
CA LYS C 77 1.12 -51.28 21.79
C LYS C 77 1.25 -49.83 22.29
N LYS C 78 0.98 -48.86 21.41
CA LYS C 78 1.09 -47.44 21.75
C LYS C 78 0.05 -46.61 21.00
N ALA C 79 -0.62 -45.72 21.72
CA ALA C 79 -1.66 -44.87 21.14
C ALA C 79 -1.05 -43.78 20.26
N GLU C 80 -1.44 -43.76 18.99
CA GLU C 80 -0.93 -42.78 18.03
C GLU C 80 -1.73 -41.48 18.10
N VAL C 81 -1.09 -40.38 17.67
CA VAL C 81 -1.72 -39.06 17.66
C VAL C 81 -1.95 -38.60 16.22
N GLU C 82 -3.21 -38.36 15.87
CA GLU C 82 -3.58 -37.91 14.53
C GLU C 82 -3.51 -36.38 14.45
N LEU C 83 -2.77 -35.87 13.48
CA LEU C 83 -2.62 -34.43 13.25
C LEU C 83 -3.14 -34.06 11.86
N ASP C 84 -4.13 -33.16 11.83
CA ASP C 84 -4.72 -32.71 10.58
C ASP C 84 -3.88 -31.58 9.98
N ILE C 85 -3.49 -31.72 8.72
CA ILE C 85 -2.64 -30.73 8.04
C ILE C 85 -3.32 -30.23 6.76
N ASN C 86 -3.59 -28.93 6.71
CA ASN C 86 -4.21 -28.30 5.52
C ASN C 86 -3.18 -27.84 4.49
N THR C 87 -3.65 -27.56 3.27
CA THR C 87 -2.81 -27.13 2.17
C THR C 87 -1.57 -28.03 1.99
N ALA C 88 -1.84 -29.31 1.75
CA ALA C 88 -0.79 -30.33 1.66
C ALA C 88 0.10 -30.18 0.41
N SER C 89 -0.41 -29.50 -0.61
CA SER C 89 0.35 -29.26 -1.84
C SER C 89 1.59 -28.39 -1.62
N THR C 90 1.54 -27.51 -0.62
CA THR C 90 2.66 -26.62 -0.30
C THR C 90 3.61 -27.21 0.75
N TRP C 91 3.11 -28.15 1.57
CA TRP C 91 3.95 -28.83 2.55
C TRP C 91 4.93 -29.79 1.86
N LYS C 92 6.18 -29.77 2.29
CA LYS C 92 7.21 -30.65 1.74
C LYS C 92 7.83 -31.52 2.84
N LYS C 93 8.49 -30.86 3.80
CA LYS C 93 9.16 -31.57 4.89
C LYS C 93 8.38 -31.42 6.20
N PHE C 94 8.28 -32.51 6.95
CA PHE C 94 7.59 -32.53 8.23
C PHE C 94 8.07 -33.70 9.08
N GLU C 95 8.72 -33.39 10.21
CA GLU C 95 9.32 -34.42 11.07
C GLU C 95 8.92 -34.21 12.53
N VAL C 96 8.73 -35.32 13.24
CA VAL C 96 8.37 -35.30 14.66
C VAL C 96 9.52 -35.88 15.49
N TYR C 97 9.85 -35.23 16.60
CA TYR C 97 10.95 -35.65 17.46
C TYR C 97 10.53 -35.74 18.92
N GLU C 98 10.32 -36.95 19.41
CA GLU C 98 10.02 -37.20 20.82
C GLU C 98 11.32 -37.38 21.60
N ASN C 99 11.66 -36.38 22.43
CA ASN C 99 12.88 -36.40 23.23
C ASN C 99 14.15 -36.55 22.38
N ASN C 100 14.25 -35.74 21.34
CA ASN C 100 15.39 -35.73 20.42
C ASN C 100 15.63 -37.09 19.74
N GLN C 101 14.55 -37.71 19.27
CA GLN C 101 14.62 -38.98 18.55
C GLN C 101 13.62 -38.98 17.39
N LYS C 102 14.10 -39.26 16.19
CA LYS C 102 13.27 -39.23 14.99
C LYS C 102 12.23 -40.34 15.01
N LEU C 103 10.98 -39.98 14.72
CA LEU C 103 9.86 -40.93 14.71
C LEU C 103 9.29 -41.09 13.29
N PRO C 104 8.73 -42.27 12.98
CA PRO C 104 8.15 -42.50 11.65
C PRO C 104 6.78 -41.84 11.48
N VAL C 105 6.51 -41.36 10.27
CA VAL C 105 5.22 -40.73 9.94
C VAL C 105 4.68 -41.28 8.62
N ARG C 106 3.39 -41.56 8.58
CA ARG C 106 2.73 -42.08 7.39
C ARG C 106 1.39 -41.40 7.14
N LEU C 107 1.00 -41.30 5.88
CA LEU C 107 -0.27 -40.68 5.49
C LEU C 107 -1.39 -41.72 5.51
N VAL C 108 -2.27 -41.62 6.51
CA VAL C 108 -3.39 -42.55 6.65
C VAL C 108 -4.50 -42.27 5.64
N SER C 109 -4.72 -40.99 5.33
CA SER C 109 -5.73 -40.58 4.34
C SER C 109 -5.45 -39.18 3.81
N TYR C 110 -6.21 -38.77 2.79
CA TYR C 110 -6.05 -37.47 2.16
C TYR C 110 -7.29 -37.08 1.36
N SER C 111 -7.71 -35.83 1.51
CA SER C 111 -8.85 -35.29 0.76
C SER C 111 -8.36 -34.38 -0.37
N PRO C 112 -8.98 -34.47 -1.56
CA PRO C 112 -8.54 -33.69 -2.72
C PRO C 112 -9.06 -32.25 -2.72
N VAL C 113 -8.74 -31.52 -3.78
CA VAL C 113 -9.21 -30.14 -3.98
C VAL C 113 -10.73 -30.13 -4.15
N PRO C 114 -11.42 -29.10 -3.61
CA PRO C 114 -10.94 -27.92 -2.90
C PRO C 114 -10.91 -28.06 -1.37
N GLU C 115 -11.08 -29.27 -0.85
CA GLU C 115 -11.07 -29.50 0.60
C GLU C 115 -9.64 -29.41 1.11
N ASP C 116 -8.77 -30.26 0.57
CA ASP C 116 -7.32 -30.21 0.82
C ASP C 116 -6.95 -30.39 2.31
N HIS C 117 -6.84 -31.64 2.74
CA HIS C 117 -6.35 -31.97 4.07
C HIS C 117 -5.58 -33.28 4.04
N ALA C 118 -4.40 -33.30 4.69
CA ALA C 118 -3.55 -34.47 4.73
C ALA C 118 -3.38 -34.95 6.17
N TYR C 119 -4.07 -36.03 6.52
CA TYR C 119 -3.99 -36.62 7.86
C TYR C 119 -2.75 -37.49 7.99
N ILE C 120 -2.06 -37.37 9.14
CA ILE C 120 -0.86 -38.16 9.42
C ILE C 120 -0.85 -38.62 10.87
N ARG C 121 -0.19 -39.75 11.12
CA ARG C 121 -0.11 -40.34 12.46
C ARG C 121 1.30 -40.82 12.79
N PHE C 122 1.58 -40.98 14.07
CA PHE C 122 2.87 -41.47 14.54
C PHE C 122 2.78 -42.00 15.97
N PRO C 123 3.60 -43.01 16.32
CA PRO C 123 3.56 -43.59 17.66
C PRO C 123 4.25 -42.72 18.71
N VAL C 124 3.74 -42.75 19.93
CA VAL C 124 4.30 -41.98 21.05
C VAL C 124 4.22 -42.77 22.35
N SER C 125 5.27 -42.64 23.17
CA SER C 125 5.34 -43.35 24.46
C SER C 125 4.53 -42.62 25.53
N ASP C 126 4.32 -43.30 26.66
CA ASP C 126 3.57 -42.73 27.78
C ASP C 126 4.41 -41.75 28.58
N GLY C 127 3.77 -40.72 29.11
CA GLY C 127 4.45 -39.70 29.91
C GLY C 127 5.29 -38.76 29.07
N THR C 128 4.64 -38.12 28.10
CA THR C 128 5.31 -37.18 27.19
C THR C 128 4.45 -35.93 26.99
N GLN C 129 5.10 -34.78 26.88
CA GLN C 129 4.40 -33.51 26.67
C GLN C 129 5.21 -32.57 25.76
N GLU C 130 6.43 -32.23 26.18
CA GLU C 130 7.29 -31.35 25.40
C GLU C 130 7.95 -32.10 24.25
N LEU C 131 7.88 -31.53 23.04
CA LEU C 131 8.49 -32.13 21.87
C LEU C 131 8.68 -31.09 20.75
N LYS C 132 9.80 -31.18 20.04
CA LYS C 132 10.13 -30.25 18.96
C LYS C 132 9.59 -30.76 17.62
N ILE C 133 9.30 -29.82 16.72
CA ILE C 133 8.76 -30.15 15.40
C ILE C 133 9.51 -29.39 14.30
N VAL C 134 10.33 -30.12 13.55
CA VAL C 134 11.06 -29.55 12.41
C VAL C 134 10.26 -29.77 11.13
N SER C 135 10.14 -28.74 10.30
CA SER C 135 9.35 -28.80 9.08
C SER C 135 9.72 -27.68 8.10
N SER C 136 9.16 -27.76 6.90
CA SER C 136 9.41 -26.74 5.87
C SER C 136 8.28 -26.73 4.83
N THR C 137 8.10 -25.58 4.18
CA THR C 137 7.07 -25.39 3.16
C THR C 137 7.66 -24.82 1.87
N GLN C 138 6.98 -25.06 0.76
CA GLN C 138 7.40 -24.55 -0.54
C GLN C 138 6.24 -24.59 -1.54
N ILE C 139 5.89 -23.42 -2.08
CA ILE C 139 4.80 -23.31 -3.04
C ILE C 139 5.28 -23.75 -4.42
N ASP C 140 4.90 -24.97 -4.80
CA ASP C 140 5.29 -25.58 -6.08
C ASP C 140 6.82 -25.62 -6.26
N ASP C 141 7.39 -24.64 -6.97
CA ASP C 141 8.83 -24.55 -7.16
C ASP C 141 9.33 -23.16 -6.75
N GLY C 142 8.99 -22.76 -5.52
CA GLY C 142 9.35 -21.44 -5.00
C GLY C 142 10.46 -21.50 -3.97
N GLU C 143 10.51 -20.49 -3.12
CA GLU C 143 11.54 -20.40 -2.08
C GLU C 143 11.17 -21.30 -0.90
N GLU C 144 12.09 -22.19 -0.53
CA GLU C 144 11.86 -23.14 0.55
C GLU C 144 12.19 -22.51 1.90
N THR C 145 11.16 -22.26 2.71
CA THR C 145 11.32 -21.69 4.04
C THR C 145 11.43 -22.82 5.08
N ASN C 146 12.59 -22.92 5.71
CA ASN C 146 12.86 -23.98 6.69
C ASN C 146 12.61 -23.52 8.13
N TYR C 147 11.59 -24.10 8.76
CA TYR C 147 11.31 -23.85 10.17
C TYR C 147 12.16 -24.77 11.03
N ASP C 148 13.04 -24.18 11.83
CA ASP C 148 14.00 -24.95 12.63
C ASP C 148 13.36 -25.53 13.88
N TYR C 149 12.87 -24.66 14.76
CA TYR C 149 12.34 -25.08 16.06
C TYR C 149 10.87 -24.66 16.24
N THR C 150 10.04 -25.61 16.65
CA THR C 150 8.63 -25.35 16.95
C THR C 150 8.14 -26.33 18.02
N LYS C 151 8.14 -25.87 19.27
CA LYS C 151 7.77 -26.73 20.41
C LYS C 151 6.25 -26.89 20.51
N LEU C 152 5.83 -28.07 20.95
CA LEU C 152 4.41 -28.38 21.15
C LEU C 152 4.16 -28.73 22.62
N VAL C 153 3.14 -28.12 23.20
CA VAL C 153 2.81 -28.32 24.62
C VAL C 153 1.35 -28.74 24.76
N PHE C 154 1.12 -29.98 25.18
CA PHE C 154 -0.23 -30.51 25.39
C PHE C 154 -0.80 -30.05 26.73
N ALA C 155 -2.09 -30.29 26.92
CA ALA C 155 -2.76 -29.95 28.18
C ALA C 155 -2.34 -30.90 29.30
N LYS C 156 -2.26 -32.19 28.98
CA LYS C 156 -1.82 -33.21 29.93
C LYS C 156 -0.95 -34.27 29.24
N PRO C 157 -0.19 -35.06 30.02
CA PRO C 157 0.61 -36.14 29.43
C PRO C 157 -0.23 -37.27 28.83
N ILE C 158 0.38 -38.05 27.95
CA ILE C 158 -0.31 -39.15 27.26
C ILE C 158 -0.30 -40.41 28.13
N TYR C 159 -1.44 -41.10 28.18
CA TYR C 159 -1.57 -42.35 28.93
C TYR C 159 -2.35 -43.38 28.12
N ASN C 160 -1.62 -44.35 27.55
CA ASN C 160 -2.23 -45.40 26.73
C ASN C 160 -2.88 -46.48 27.59
N ASP C 161 -4.21 -46.43 27.67
CA ASP C 161 -4.98 -47.41 28.45
C ASP C 161 -5.12 -48.72 27.67
N PRO C 162 -5.30 -49.84 28.39
CA PRO C 162 -5.44 -51.14 27.73
C PRO C 162 -6.82 -51.33 27.10
N LEU D 2 -10.33 -18.96 -4.80
CA LEU D 2 -9.24 -19.42 -3.89
C LEU D 2 -8.45 -20.56 -4.51
N SER D 3 -7.23 -20.77 -4.01
CA SER D 3 -6.36 -21.84 -4.49
C SER D 3 -5.31 -22.19 -3.44
N PRO D 4 -4.73 -23.41 -3.53
CA PRO D 4 -3.70 -23.85 -2.57
C PRO D 4 -2.55 -22.86 -2.36
N ALA D 5 -2.12 -22.21 -3.44
CA ALA D 5 -1.04 -21.21 -3.36
C ALA D 5 -1.47 -19.98 -2.56
N ASP D 6 -2.71 -19.53 -2.77
CA ASP D 6 -3.23 -18.34 -2.09
C ASP D 6 -3.41 -18.56 -0.58
N LYS D 7 -3.84 -19.75 -0.19
CA LYS D 7 -4.08 -20.07 1.21
C LYS D 7 -2.79 -20.08 2.03
N THR D 8 -1.69 -20.50 1.42
CA THR D 8 -0.39 -20.54 2.09
C THR D 8 0.20 -19.15 2.28
N ASN D 9 0.06 -18.30 1.26
CA ASN D 9 0.56 -16.92 1.32
C ASN D 9 -0.17 -16.08 2.37
N VAL D 10 -1.47 -16.29 2.51
CA VAL D 10 -2.28 -15.56 3.49
C VAL D 10 -1.85 -15.90 4.92
N LYS D 11 -1.70 -17.19 5.20
CA LYS D 11 -1.28 -17.66 6.51
C LYS D 11 0.18 -17.29 6.81
N ALA D 12 1.01 -17.29 5.78
CA ALA D 12 2.41 -16.88 5.90
C ALA D 12 2.52 -15.38 6.18
N ALA D 13 1.73 -14.59 5.46
CA ALA D 13 1.72 -13.13 5.65
C ALA D 13 1.12 -12.75 7.00
N TRP D 14 0.00 -13.38 7.35
CA TRP D 14 -0.68 -13.13 8.62
C TRP D 14 0.09 -13.73 9.81
N GLY D 15 0.90 -14.75 9.53
CA GLY D 15 1.76 -15.36 10.54
C GLY D 15 2.88 -14.43 10.99
N LYS D 16 3.47 -13.71 10.04
CA LYS D 16 4.54 -12.76 10.34
C LYS D 16 4.01 -11.45 10.93
N VAL D 17 2.71 -11.21 10.84
CA VAL D 17 2.07 -10.09 11.52
C VAL D 17 2.04 -10.37 13.02
N GLY D 18 1.45 -11.51 13.39
CA GLY D 18 1.48 -12.01 14.75
C GLY D 18 0.74 -11.16 15.76
N ALA D 19 1.44 -10.74 16.82
CA ALA D 19 0.85 -9.95 17.90
C ALA D 19 0.47 -8.53 17.45
N HIS D 20 1.09 -8.06 16.37
CA HIS D 20 0.79 -6.74 15.81
C HIS D 20 -0.50 -6.71 14.99
N ALA D 21 -1.16 -7.86 14.85
CA ALA D 21 -2.43 -7.95 14.10
C ALA D 21 -3.50 -7.01 14.65
N GLY D 22 -3.63 -6.97 15.97
CA GLY D 22 -4.55 -6.06 16.64
C GLY D 22 -4.12 -4.61 16.52
N GLU D 23 -2.81 -4.38 16.57
CA GLU D 23 -2.25 -3.03 16.47
C GLU D 23 -2.40 -2.47 15.06
N TYR D 24 -2.10 -3.29 14.05
CA TYR D 24 -2.26 -2.90 12.66
C TYR D 24 -3.73 -2.73 12.27
N GLY D 25 -4.60 -3.50 12.92
CA GLY D 25 -6.04 -3.37 12.72
C GLY D 25 -6.54 -1.99 13.12
N ALA D 26 -6.03 -1.48 14.24
CA ALA D 26 -6.37 -0.14 14.71
C ALA D 26 -5.88 0.93 13.74
N GLU D 27 -4.66 0.75 13.23
CA GLU D 27 -4.06 1.69 12.28
C GLU D 27 -4.81 1.70 10.94
N ALA D 28 -5.35 0.55 10.56
CA ALA D 28 -6.15 0.43 9.33
C ALA D 28 -7.45 1.23 9.43
N LEU D 29 -8.11 1.14 10.59
CA LEU D 29 -9.34 1.89 10.83
C LEU D 29 -9.07 3.40 10.89
N GLU D 30 -8.05 3.79 11.64
CA GLU D 30 -7.64 5.20 11.72
C GLU D 30 -7.33 5.76 10.33
N ARG D 31 -6.71 4.95 9.49
CA ARG D 31 -6.41 5.34 8.11
C ARG D 31 -7.69 5.45 7.28
N MET D 32 -8.64 4.54 7.50
CA MET D 32 -9.89 4.54 6.74
C MET D 32 -10.73 5.80 7.01
N PHE D 33 -10.92 6.11 8.29
CA PHE D 33 -11.75 7.26 8.69
C PHE D 33 -11.13 8.60 8.28
N LEU D 34 -9.79 8.68 8.28
CA LEU D 34 -9.09 9.90 7.90
C LEU D 34 -9.00 10.05 6.38
N SER D 35 -8.65 8.97 5.69
CA SER D 35 -8.50 9.00 4.23
C SER D 35 -9.85 8.97 3.52
N PHE D 36 -10.77 8.14 4.01
CA PHE D 36 -12.09 7.99 3.42
C PHE D 36 -13.16 8.38 4.43
N PRO D 37 -13.52 9.68 4.49
CA PRO D 37 -14.42 10.20 5.52
C PRO D 37 -15.88 9.76 5.37
N THR D 38 -16.23 9.17 4.24
CA THR D 38 -17.59 8.67 4.02
C THR D 38 -17.92 7.49 4.94
N THR D 39 -16.91 6.74 5.35
CA THR D 39 -17.08 5.60 6.25
C THR D 39 -17.48 6.01 7.67
N LYS D 40 -17.24 7.27 8.03
CA LYS D 40 -17.59 7.79 9.36
C LYS D 40 -19.11 7.87 9.60
N THR D 41 -19.89 7.92 8.52
CA THR D 41 -21.36 7.96 8.64
C THR D 41 -21.93 6.67 9.22
N TYR D 42 -21.26 5.55 8.97
CA TYR D 42 -21.69 4.25 9.52
C TYR D 42 -21.31 4.08 10.99
N PHE D 43 -20.45 4.97 11.51
CA PHE D 43 -20.10 4.98 12.92
C PHE D 43 -20.50 6.32 13.55
N PRO D 44 -21.81 6.58 13.68
CA PRO D 44 -22.29 7.84 14.26
C PRO D 44 -22.12 7.93 15.77
N HIS D 45 -21.96 6.79 16.44
CA HIS D 45 -21.88 6.72 17.90
C HIS D 45 -20.46 6.60 18.44
N PHE D 46 -19.51 6.24 17.57
CA PHE D 46 -18.10 6.11 17.96
C PHE D 46 -17.47 7.46 18.28
N ASP D 47 -16.43 7.42 19.11
CA ASP D 47 -15.56 8.57 19.33
C ASP D 47 -14.47 8.49 18.25
N LEU D 48 -14.65 9.24 17.16
CA LEU D 48 -13.75 9.15 16.01
C LEU D 48 -12.67 10.23 16.02
N SER D 49 -12.14 10.55 17.21
CA SER D 49 -11.02 11.47 17.34
C SER D 49 -9.72 10.75 16.99
N HIS D 50 -8.62 11.50 16.96
CA HIS D 50 -7.31 10.92 16.61
C HIS D 50 -6.84 9.92 17.67
N GLY D 51 -6.82 10.37 18.93
CA GLY D 51 -6.44 9.51 20.05
C GLY D 51 -7.65 8.82 20.65
N SER D 52 -8.30 7.96 19.85
CA SER D 52 -9.53 7.30 20.27
C SER D 52 -9.24 5.95 20.93
N ALA D 53 -10.13 5.56 21.85
CA ALA D 53 -10.05 4.27 22.52
C ALA D 53 -10.92 3.24 21.82
N GLN D 54 -12.12 3.66 21.41
CA GLN D 54 -13.07 2.77 20.73
C GLN D 54 -12.55 2.26 19.39
N VAL D 55 -11.87 3.12 18.65
CA VAL D 55 -11.31 2.76 17.35
C VAL D 55 -10.21 1.71 17.49
N LYS D 56 -9.37 1.86 18.51
CA LYS D 56 -8.33 0.89 18.82
C LYS D 56 -8.92 -0.45 19.26
N GLY D 57 -9.94 -0.38 20.12
CA GLY D 57 -10.64 -1.58 20.59
C GLY D 57 -11.38 -2.28 19.47
N HIS D 58 -12.03 -1.50 18.61
CA HIS D 58 -12.73 -2.03 17.45
C HIS D 58 -11.77 -2.61 16.41
N GLY D 59 -10.59 -1.99 16.30
CA GLY D 59 -9.55 -2.46 15.39
C GLY D 59 -9.04 -3.86 15.74
N LYS D 60 -8.99 -4.16 17.03
CA LYS D 60 -8.58 -5.49 17.50
C LYS D 60 -9.66 -6.53 17.21
N LYS D 61 -10.92 -6.14 17.38
CA LYS D 61 -12.06 -7.03 17.09
C LYS D 61 -12.17 -7.36 15.60
N VAL D 62 -11.78 -6.40 14.75
CA VAL D 62 -11.72 -6.63 13.31
C VAL D 62 -10.56 -7.57 12.97
N ALA D 63 -9.43 -7.37 13.65
CA ALA D 63 -8.24 -8.21 13.46
C ALA D 63 -8.51 -9.67 13.84
N ASP D 64 -9.22 -9.86 14.94
CA ASP D 64 -9.59 -11.21 15.40
C ASP D 64 -10.55 -11.90 14.44
N ALA D 65 -11.42 -11.12 13.80
CA ALA D 65 -12.33 -11.64 12.79
C ALA D 65 -11.57 -12.19 11.58
N LEU D 66 -10.50 -11.51 11.19
CA LEU D 66 -9.61 -11.97 10.13
C LEU D 66 -8.79 -13.18 10.60
N THR D 67 -8.34 -13.15 11.85
CA THR D 67 -7.58 -14.25 12.44
C THR D 67 -8.41 -15.54 12.47
N ASN D 68 -9.70 -15.41 12.79
CA ASN D 68 -10.62 -16.54 12.76
C ASN D 68 -10.89 -17.00 11.32
N ALA D 69 -10.94 -16.05 10.39
CA ALA D 69 -11.13 -16.35 8.97
C ALA D 69 -9.91 -17.06 8.37
N VAL D 70 -8.72 -16.64 8.78
CA VAL D 70 -7.47 -17.28 8.34
C VAL D 70 -7.32 -18.68 8.95
N ALA D 71 -7.81 -18.84 10.18
CA ALA D 71 -7.79 -20.14 10.85
C ALA D 71 -8.66 -21.17 10.11
N HIS D 72 -9.83 -20.72 9.65
CA HIS D 72 -10.76 -21.56 8.91
C HIS D 72 -10.95 -21.02 7.49
N VAL D 73 -9.94 -21.22 6.65
CA VAL D 73 -9.96 -20.72 5.27
C VAL D 73 -11.00 -21.46 4.44
N ASP D 74 -10.91 -22.79 4.44
CA ASP D 74 -11.93 -23.62 3.81
C ASP D 74 -13.20 -23.59 4.66
N ASP D 75 -14.36 -23.57 4.00
CA ASP D 75 -15.64 -23.38 4.68
C ASP D 75 -15.65 -22.06 5.43
N MET D 76 -15.36 -20.98 4.72
CA MET D 76 -15.23 -19.65 5.32
C MET D 76 -16.55 -19.06 5.81
N PRO D 77 -17.66 -19.29 5.07
CA PRO D 77 -18.97 -18.82 5.54
C PRO D 77 -19.40 -19.45 6.88
N ASN D 78 -18.97 -20.68 7.14
CA ASN D 78 -19.28 -21.35 8.40
C ASN D 78 -18.60 -20.71 9.61
N ALA D 79 -17.41 -20.16 9.38
CA ALA D 79 -16.66 -19.48 10.45
C ALA D 79 -17.31 -18.15 10.82
N LEU D 80 -17.54 -17.31 9.81
CA LEU D 80 -18.14 -15.99 10.01
C LEU D 80 -19.63 -16.02 9.66
N SER D 81 -20.37 -16.91 10.29
CA SER D 81 -21.81 -17.04 10.06
C SER D 81 -22.57 -15.94 10.79
N ALA D 82 -22.33 -15.83 12.10
CA ALA D 82 -22.99 -14.82 12.93
C ALA D 82 -22.53 -13.41 12.58
N LEU D 83 -21.26 -13.28 12.21
CA LEU D 83 -20.69 -11.98 11.84
C LEU D 83 -21.25 -11.47 10.51
N SER D 84 -21.60 -12.40 9.61
CA SER D 84 -22.23 -12.05 8.33
C SER D 84 -23.62 -11.45 8.54
N ASP D 85 -24.33 -11.93 9.54
CA ASP D 85 -25.68 -11.44 9.86
C ASP D 85 -25.66 -10.04 10.50
N LEU D 86 -24.52 -9.65 11.07
CA LEU D 86 -24.40 -8.36 11.76
C LEU D 86 -24.38 -7.18 10.78
N HIS D 87 -23.54 -7.26 9.76
CA HIS D 87 -23.36 -6.17 8.80
C HIS D 87 -24.58 -5.94 7.90
N ALA D 88 -25.38 -6.98 7.69
CA ALA D 88 -26.59 -6.89 6.88
C ALA D 88 -27.85 -7.04 7.74
N HIS D 89 -27.87 -6.37 8.88
CA HIS D 89 -29.00 -6.39 9.81
C HIS D 89 -29.58 -4.99 9.98
N LYS D 90 -28.74 -4.05 10.43
CA LYS D 90 -29.13 -2.65 10.59
C LYS D 90 -28.28 -1.69 9.76
N LEU D 91 -27.03 -2.05 9.51
CA LEU D 91 -26.05 -1.13 8.93
C LEU D 91 -26.26 -0.87 7.45
N ARG D 92 -26.45 -1.95 6.68
CA ARG D 92 -26.53 -1.87 5.22
C ARG D 92 -25.30 -1.17 4.65
N VAL D 93 -24.13 -1.68 5.00
CA VAL D 93 -22.87 -1.10 4.54
C VAL D 93 -22.69 -1.37 3.05
N ASP D 94 -22.33 -0.34 2.29
CA ASP D 94 -22.17 -0.44 0.85
C ASP D 94 -21.00 -1.39 0.54
N PRO D 95 -21.22 -2.37 -0.35
CA PRO D 95 -20.15 -3.29 -0.76
C PRO D 95 -18.84 -2.59 -1.16
N VAL D 96 -18.94 -1.39 -1.73
CA VAL D 96 -17.78 -0.58 -2.10
C VAL D 96 -16.91 -0.21 -0.89
N ASN D 97 -17.56 0.04 0.25
CA ASN D 97 -16.84 0.44 1.47
C ASN D 97 -15.98 -0.68 2.07
N PHE D 98 -16.32 -1.92 1.78
CA PHE D 98 -15.50 -3.06 2.22
C PHE D 98 -14.17 -3.13 1.47
N LYS D 99 -14.16 -2.67 0.22
CA LYS D 99 -12.94 -2.58 -0.58
C LYS D 99 -12.01 -1.48 -0.06
N LEU D 100 -12.58 -0.46 0.55
CA LEU D 100 -11.80 0.66 1.12
C LEU D 100 -11.07 0.25 2.39
N LEU D 101 -11.73 -0.56 3.24
CA LEU D 101 -11.11 -1.04 4.47
C LEU D 101 -9.98 -2.02 4.18
N SER D 102 -10.25 -2.98 3.30
CA SER D 102 -9.25 -3.96 2.90
C SER D 102 -8.06 -3.30 2.19
N HIS D 103 -8.33 -2.25 1.43
CA HIS D 103 -7.28 -1.44 0.82
C HIS D 103 -6.38 -0.81 1.87
N CYS D 104 -6.99 -0.25 2.92
CA CYS D 104 -6.24 0.36 4.02
C CYS D 104 -5.47 -0.67 4.84
N LEU D 105 -5.98 -1.90 4.90
CA LEU D 105 -5.31 -2.99 5.59
C LEU D 105 -4.04 -3.40 4.84
N LEU D 106 -4.13 -3.49 3.52
CA LEU D 106 -2.98 -3.84 2.67
C LEU D 106 -1.91 -2.75 2.69
N VAL D 107 -2.34 -1.50 2.85
CA VAL D 107 -1.41 -0.37 2.98
C VAL D 107 -0.63 -0.42 4.29
N THR D 108 -1.30 -0.81 5.37
CA THR D 108 -0.69 -0.93 6.68
C THR D 108 0.34 -2.07 6.72
N LEU D 109 -0.05 -3.23 6.19
CA LEU D 109 0.84 -4.39 6.14
C LEU D 109 2.07 -4.13 5.28
N ALA D 110 1.86 -3.47 4.14
CA ALA D 110 2.96 -3.14 3.22
C ALA D 110 3.95 -2.14 3.82
N ALA D 111 3.45 -1.24 4.66
CA ALA D 111 4.28 -0.20 5.27
C ALA D 111 5.24 -0.77 6.31
N HIS D 112 4.70 -1.52 7.27
CA HIS D 112 5.49 -2.06 8.37
C HIS D 112 6.28 -3.32 8.00
N LEU D 113 5.82 -4.04 6.98
CA LEU D 113 6.50 -5.24 6.50
C LEU D 113 6.64 -5.24 4.98
N PRO D 114 7.47 -4.32 4.44
CA PRO D 114 7.62 -4.16 2.99
C PRO D 114 8.40 -5.29 2.31
N ALA D 115 9.43 -5.81 2.98
CA ALA D 115 10.27 -6.86 2.41
C ALA D 115 9.49 -8.17 2.20
N GLU D 116 8.58 -8.47 3.11
CA GLU D 116 7.79 -9.70 3.05
C GLU D 116 6.55 -9.54 2.16
N PHE D 117 6.05 -8.32 2.05
CA PHE D 117 4.85 -8.03 1.25
C PHE D 117 5.17 -8.03 -0.24
N THR D 118 5.33 -9.22 -0.81
CA THR D 118 5.67 -9.40 -2.22
C THR D 118 4.42 -9.35 -3.09
N PRO D 119 4.58 -9.17 -4.41
CA PRO D 119 3.45 -9.19 -5.34
C PRO D 119 2.58 -10.45 -5.24
N ALA D 120 3.20 -11.61 -5.03
CA ALA D 120 2.48 -12.87 -4.88
C ALA D 120 1.64 -12.88 -3.60
N VAL D 121 2.21 -12.36 -2.51
CA VAL D 121 1.50 -12.26 -1.24
C VAL D 121 0.39 -11.22 -1.32
N HIS D 122 0.65 -10.11 -2.00
CA HIS D 122 -0.34 -9.06 -2.22
C HIS D 122 -1.55 -9.59 -2.98
N ALA D 123 -1.30 -10.38 -4.02
CA ALA D 123 -2.37 -10.96 -4.85
C ALA D 123 -3.28 -11.90 -4.05
N SER D 124 -2.67 -12.67 -3.15
CA SER D 124 -3.40 -13.62 -2.31
C SER D 124 -4.25 -12.90 -1.25
N LEU D 125 -3.66 -11.89 -0.61
CA LEU D 125 -4.35 -11.11 0.41
C LEU D 125 -5.52 -10.30 -0.15
N ASP D 126 -5.35 -9.78 -1.37
CA ASP D 126 -6.40 -9.03 -2.05
C ASP D 126 -7.58 -9.94 -2.38
N LYS D 127 -7.27 -11.14 -2.86
CA LYS D 127 -8.30 -12.14 -3.16
C LYS D 127 -8.92 -12.72 -1.88
N PHE D 128 -8.15 -12.75 -0.80
CA PHE D 128 -8.64 -13.21 0.49
C PHE D 128 -9.64 -12.23 1.10
N LEU D 129 -9.27 -10.95 1.13
CA LEU D 129 -10.13 -9.90 1.68
C LEU D 129 -11.36 -9.63 0.81
N ALA D 130 -11.26 -9.93 -0.48
CA ALA D 130 -12.39 -9.80 -1.40
C ALA D 130 -13.45 -10.88 -1.14
N SER D 131 -12.99 -12.09 -0.82
CA SER D 131 -13.90 -13.21 -0.54
C SER D 131 -14.63 -13.04 0.79
N VAL D 132 -13.93 -12.53 1.80
CA VAL D 132 -14.52 -12.29 3.12
C VAL D 132 -15.53 -11.14 3.06
N SER D 133 -15.30 -10.18 2.15
CA SER D 133 -16.23 -9.06 1.96
C SER D 133 -17.57 -9.51 1.40
N THR D 134 -17.54 -10.44 0.45
CA THR D 134 -18.75 -11.00 -0.14
C THR D 134 -19.53 -11.86 0.85
N VAL D 135 -18.81 -12.46 1.81
CA VAL D 135 -19.44 -13.25 2.87
C VAL D 135 -20.18 -12.36 3.86
N LEU D 136 -19.57 -11.22 4.22
CA LEU D 136 -20.19 -10.26 5.14
C LEU D 136 -21.43 -9.59 4.53
N THR D 137 -21.44 -9.43 3.21
CA THR D 137 -22.59 -8.86 2.50
C THR D 137 -23.34 -9.94 1.74
N SER D 138 -23.77 -10.97 2.45
CA SER D 138 -24.50 -12.10 1.87
C SER D 138 -25.95 -12.11 2.32
N LYS D 139 -26.15 -12.19 3.63
CA LYS D 139 -27.50 -12.24 4.22
C LYS D 139 -27.93 -10.87 4.71
#